data_7MTL
#
_entry.id   7MTL
#
_cell.length_a   42.783
_cell.length_b   75.878
_cell.length_c   178.326
_cell.angle_alpha   90.000
_cell.angle_beta   90.000
_cell.angle_gamma   90.000
#
_symmetry.space_group_name_H-M   'P 21 21 21'
#
loop_
_entity.id
_entity.type
_entity.pdbx_description
1 polymer 'Colibactin self-protection protein ClbS'
2 polymer "DNA (5'-D(*AP*AP*TP*TP*CP*CP*CP*AP*CP*TP*TP*CP*CP*AP*G)-3')"
3 polymer "DNA (5'-D(*CP*TP*GP*GP*AP*AP*GP*TP*GP*GP*GP*AP*AP*TP*T)-3')"
4 water water
#
loop_
_entity_poly.entity_id
_entity_poly.type
_entity_poly.pdbx_seq_one_letter_code
_entity_poly.pdbx_strand_id
1 'polypeptide(L)'
;MAVPSSKEELIKAINSNFSLLNKKLESITPQLAFEPLLEGHAKGTTISVANLVSYLIGWGELVLHWHDQEAKGKTIIFPE
EGFKWNELGRLAQKFYRDYEDITEYEVLLARLKENKQQLVALIERFSNDELYGKPWYNKWTRGRMIQFNTASPYKNASGR
LNKLQKCLAELEHHHHHH
;
A,B
2 'polydeoxyribonucleotide' (DA)(DA)(DT)(DT)(DC)(DC)(DC)(DA)(DC)(DT)(DT)(DC)(DC)(DA)(DG) C
3 'polydeoxyribonucleotide' (DC)(DT)(DG)(DG)(DA)(DA)(DG)(DT)(DG)(DG)(DG)(DA)(DA)(DT)(DT) D
#
loop_
_chem_comp.id
_chem_comp.type
_chem_comp.name
_chem_comp.formula
DA DNA linking 2'-DEOXYADENOSINE-5'-MONOPHOSPHATE 'C10 H14 N5 O6 P'
DC DNA linking 2'-DEOXYCYTIDINE-5'-MONOPHOSPHATE 'C9 H14 N3 O7 P'
DG DNA linking 2'-DEOXYGUANOSINE-5'-MONOPHOSPHATE 'C10 H14 N5 O7 P'
DT DNA linking THYMIDINE-5'-MONOPHOSPHATE 'C10 H15 N2 O8 P'
#
# COMPACT_ATOMS: atom_id res chain seq x y z
N ALA A 2 7.31 30.16 5.19
CA ALA A 2 6.94 28.86 5.73
C ALA A 2 5.48 28.53 5.42
N VAL A 3 4.91 27.66 6.23
CA VAL A 3 3.50 27.29 6.17
C VAL A 3 2.65 28.55 6.09
N PRO A 4 1.67 28.62 5.18
CA PRO A 4 0.75 29.77 5.16
C PRO A 4 0.04 29.92 6.51
N SER A 5 -0.12 31.18 6.93
CA SER A 5 -0.72 31.50 8.23
C SER A 5 -1.96 32.34 8.09
N SER A 6 -2.45 32.59 6.88
CA SER A 6 -3.54 33.51 6.66
C SER A 6 -4.27 33.14 5.37
N LYS A 7 -5.53 33.57 5.28
CA LYS A 7 -6.34 33.32 4.09
C LYS A 7 -5.65 33.82 2.83
N GLU A 8 -4.93 34.94 2.93
CA GLU A 8 -4.25 35.50 1.77
C GLU A 8 -3.12 34.59 1.32
N GLU A 9 -2.29 34.14 2.28
CA GLU A 9 -1.18 33.25 1.96
C GLU A 9 -1.67 31.93 1.38
N LEU A 10 -2.67 31.32 2.03
CA LEU A 10 -3.21 30.04 1.54
C LEU A 10 -3.65 30.15 0.10
N ILE A 11 -4.36 31.22 -0.27
CA ILE A 11 -4.83 31.30 -1.64
C ILE A 11 -3.67 31.53 -2.62
N LYS A 12 -2.62 32.21 -2.18
CA LYS A 12 -1.56 32.45 -3.14
C LYS A 12 -0.71 31.19 -3.30
N ALA A 13 -0.36 30.52 -2.20
CA ALA A 13 0.38 29.26 -2.28
C ALA A 13 -0.36 28.22 -3.12
N ILE A 14 -1.69 28.23 -3.12
CA ILE A 14 -2.41 27.25 -3.91
C ILE A 14 -2.30 27.57 -5.39
N ASN A 15 -2.50 28.84 -5.73
CA ASN A 15 -2.44 29.24 -7.14
C ASN A 15 -1.03 29.10 -7.69
N SER A 16 -0.03 29.40 -6.88
CA SER A 16 1.36 29.28 -7.33
C SER A 16 1.72 27.83 -7.54
N ASN A 17 1.59 27.02 -6.48
CA ASN A 17 1.97 25.62 -6.61
C ASN A 17 1.08 24.90 -7.62
N PHE A 18 -0.15 25.38 -7.85
CA PHE A 18 -0.93 24.74 -8.91
C PHE A 18 -0.44 25.18 -10.28
N SER A 19 -0.09 26.46 -10.43
CA SER A 19 0.35 26.95 -11.72
C SER A 19 1.65 26.29 -12.15
N LEU A 20 2.63 26.23 -11.23
CA LEU A 20 3.86 25.50 -11.41
C LEU A 20 3.59 24.05 -11.79
N LEU A 21 3.02 23.27 -10.86
CA LEU A 21 2.69 21.87 -11.13
C LEU A 21 2.04 21.70 -12.50
N ASN A 22 1.06 22.55 -12.81
CA ASN A 22 0.33 22.39 -14.07
C ASN A 22 1.24 22.63 -15.28
N LYS A 23 2.25 23.49 -15.15
CA LYS A 23 3.20 23.68 -16.25
C LYS A 23 3.95 22.38 -16.54
N LYS A 24 4.49 21.74 -15.49
CA LYS A 24 5.13 20.45 -15.67
C LYS A 24 4.15 19.39 -16.17
N LEU A 25 2.90 19.45 -15.74
CA LEU A 25 1.98 18.37 -16.15
C LEU A 25 1.66 18.48 -17.63
N GLU A 26 1.67 19.70 -18.14
CA GLU A 26 1.26 19.94 -19.54
C GLU A 26 2.43 19.65 -20.46
N SER A 27 3.64 19.62 -19.91
CA SER A 27 4.83 19.31 -20.72
C SER A 27 5.14 17.82 -20.69
N ILE A 28 4.14 16.97 -20.52
CA ILE A 28 4.25 15.50 -20.49
C ILE A 28 3.31 14.99 -21.54
N THR A 29 3.80 14.13 -22.39
CA THR A 29 2.99 13.56 -23.47
C THR A 29 1.83 12.79 -22.92
N PRO A 30 0.63 12.93 -23.47
CA PRO A 30 -0.52 12.10 -23.05
C PRO A 30 -0.23 10.61 -23.12
N GLN A 31 0.49 10.15 -24.15
CA GLN A 31 0.86 8.75 -24.24
C GLN A 31 1.74 8.35 -23.05
N LEU A 32 2.72 9.18 -22.72
CA LEU A 32 3.58 8.92 -21.59
C LEU A 32 2.86 9.05 -20.25
N ALA A 33 1.90 9.98 -20.15
CA ALA A 33 1.27 10.27 -18.86
C ALA A 33 0.50 9.09 -18.30
N PHE A 34 0.06 8.15 -19.13
CA PHE A 34 -0.61 6.96 -18.64
C PHE A 34 0.31 5.75 -18.52
N GLU A 35 1.60 5.88 -18.84
CA GLU A 35 2.53 4.77 -18.67
C GLU A 35 2.89 4.59 -17.19
N PRO A 36 2.84 3.35 -16.66
CA PRO A 36 3.36 3.08 -15.33
C PRO A 36 4.89 3.14 -15.25
N LEU A 37 5.41 4.11 -14.50
CA LEU A 37 6.84 4.36 -14.48
C LEU A 37 7.34 4.65 -13.08
N LEU A 38 6.46 5.23 -12.26
CA LEU A 38 6.88 5.89 -11.04
C LEU A 38 6.66 4.99 -9.83
N GLU A 39 7.62 5.02 -8.92
CA GLU A 39 7.38 4.49 -7.60
C GLU A 39 6.25 5.30 -6.98
N GLY A 40 5.27 4.62 -6.40
CA GLY A 40 4.07 5.28 -5.98
C GLY A 40 4.13 5.84 -4.57
N HIS A 41 3.06 6.53 -4.22
CA HIS A 41 2.90 7.05 -2.87
C HIS A 41 3.18 5.98 -1.82
N ALA A 42 2.81 4.74 -2.09
CA ALA A 42 3.08 3.62 -1.20
C ALA A 42 4.24 2.78 -1.73
N LYS A 43 5.13 2.38 -0.82
CA LYS A 43 6.34 1.65 -1.21
C LYS A 43 5.99 0.33 -1.86
N GLY A 44 6.68 0.02 -2.96
CA GLY A 44 6.45 -1.22 -3.68
C GLY A 44 5.30 -1.16 -4.67
N THR A 45 4.95 0.03 -5.14
CA THR A 45 3.94 0.20 -6.17
C THR A 45 4.55 0.94 -7.35
N THR A 46 3.95 0.72 -8.52
CA THR A 46 4.30 1.47 -9.71
C THR A 46 3.06 2.15 -10.25
N ILE A 47 3.16 3.45 -10.51
CA ILE A 47 2.01 4.27 -10.90
C ILE A 47 2.44 5.17 -12.06
N SER A 48 1.42 5.74 -12.72
CA SER A 48 1.63 6.67 -13.81
C SER A 48 1.52 8.11 -13.32
N VAL A 49 1.90 9.04 -14.20
CA VAL A 49 1.68 10.45 -13.90
C VAL A 49 0.17 10.73 -13.79
N ALA A 50 -0.62 9.93 -14.51
CA ALA A 50 -2.07 10.03 -14.41
C ALA A 50 -2.54 9.65 -13.00
N ASN A 51 -2.03 8.55 -12.43
CA ASN A 51 -2.34 8.22 -11.03
C ASN A 51 -1.90 9.34 -10.09
N LEU A 52 -0.77 9.97 -10.40
CA LEU A 52 -0.29 11.08 -9.59
C LEU A 52 -1.33 12.20 -9.52
N VAL A 53 -2.02 12.45 -10.62
CA VAL A 53 -3.01 13.52 -10.66
C VAL A 53 -4.28 13.07 -9.94
N SER A 54 -4.74 11.86 -10.28
CA SER A 54 -5.84 11.21 -9.55
C SER A 54 -5.66 11.31 -8.05
N TYR A 55 -4.43 11.13 -7.56
CA TYR A 55 -4.20 11.27 -6.12
C TYR A 55 -4.58 12.65 -5.64
N LEU A 56 -4.23 13.68 -6.41
CA LEU A 56 -4.55 15.05 -6.00
C LEU A 56 -6.06 15.30 -6.08
N ILE A 57 -6.71 14.80 -7.12
CA ILE A 57 -8.15 15.01 -7.26
C ILE A 57 -8.89 14.35 -6.12
N GLY A 58 -8.48 13.14 -5.75
CA GLY A 58 -9.11 12.44 -4.64
C GLY A 58 -8.96 13.20 -3.33
N TRP A 59 -7.79 13.77 -3.07
CA TRP A 59 -7.61 14.49 -1.83
C TRP A 59 -8.39 15.79 -1.82
N GLY A 60 -8.51 16.45 -2.98
CA GLY A 60 -9.19 17.72 -3.01
C GLY A 60 -10.70 17.57 -2.88
N GLU A 61 -11.28 16.65 -3.67
CA GLU A 61 -12.68 16.30 -3.53
C GLU A 61 -12.98 15.81 -2.12
N LEU A 62 -12.06 15.05 -1.51
CA LEU A 62 -12.26 14.64 -0.14
C LEU A 62 -12.37 15.86 0.77
N VAL A 63 -11.55 16.87 0.52
CA VAL A 63 -11.60 18.09 1.31
C VAL A 63 -12.93 18.83 1.10
N LEU A 64 -13.41 18.90 -0.15
CA LEU A 64 -14.73 19.44 -0.43
C LEU A 64 -15.81 18.63 0.27
N HIS A 65 -15.64 17.31 0.31
CA HIS A 65 -16.59 16.46 0.98
C HIS A 65 -16.64 16.74 2.46
N TRP A 66 -15.47 16.93 3.09
CA TRP A 66 -15.47 17.35 4.48
C TRP A 66 -16.39 18.56 4.68
N HIS A 67 -16.26 19.57 3.82
CA HIS A 67 -17.00 20.79 4.02
C HIS A 67 -18.47 20.63 3.70
N ASP A 68 -18.77 19.80 2.70
CA ASP A 68 -20.14 19.47 2.38
C ASP A 68 -20.85 18.88 3.59
N GLN A 69 -20.16 18.01 4.32
CA GLN A 69 -20.70 17.44 5.54
C GLN A 69 -20.96 18.54 6.57
N GLU A 70 -19.96 19.37 6.80
CA GLU A 70 -20.12 20.47 7.76
C GLU A 70 -21.30 21.36 7.39
N ALA A 71 -21.49 21.63 6.09
CA ALA A 71 -22.49 22.58 5.65
C ALA A 71 -23.90 22.07 5.91
N LYS A 72 -24.08 20.76 6.07
CA LYS A 72 -25.35 20.14 6.38
C LYS A 72 -25.50 19.81 7.86
N GLY A 73 -24.50 20.12 8.67
CA GLY A 73 -24.56 19.77 10.08
C GLY A 73 -24.38 18.32 10.37
N LYS A 74 -23.77 17.55 9.46
CA LYS A 74 -23.53 16.12 9.66
C LYS A 74 -22.08 15.88 10.06
N THR A 75 -21.87 14.83 10.85
CA THR A 75 -20.55 14.58 11.41
C THR A 75 -19.57 14.17 10.31
N ILE A 76 -18.38 14.78 10.30
CA ILE A 76 -17.35 14.45 9.33
C ILE A 76 -16.61 13.21 9.80
N ILE A 77 -16.33 12.30 8.87
CA ILE A 77 -15.51 11.12 9.14
C ILE A 77 -14.11 11.35 8.55
N PHE A 78 -13.12 11.44 9.42
CA PHE A 78 -11.72 11.69 9.13
C PHE A 78 -10.93 10.41 9.27
N PRO A 79 -10.08 10.08 8.27
CA PRO A 79 -9.87 10.95 7.08
C PRO A 79 -10.94 10.75 6.03
N GLU A 80 -11.53 9.56 6.05
CA GLU A 80 -12.59 9.20 5.12
C GLU A 80 -13.20 7.93 5.65
N GLU A 81 -14.49 7.79 5.42
CA GLU A 81 -15.25 6.58 5.73
C GLU A 81 -14.50 5.32 5.30
N GLY A 82 -14.18 4.47 6.27
CA GLY A 82 -13.49 3.22 6.02
C GLY A 82 -11.98 3.25 6.13
N PHE A 83 -11.39 4.37 6.54
CA PHE A 83 -9.93 4.51 6.62
C PHE A 83 -9.57 5.16 7.95
N LYS A 84 -8.70 4.52 8.71
CA LYS A 84 -8.12 5.22 9.86
C LYS A 84 -6.96 6.08 9.36
N TRP A 85 -6.37 6.87 10.25
CA TRP A 85 -5.36 7.80 9.76
C TRP A 85 -4.04 7.11 9.39
N ASN A 86 -3.84 5.85 9.77
CA ASN A 86 -2.63 5.14 9.38
C ASN A 86 -2.81 4.36 8.10
N GLU A 87 -3.91 4.58 7.40
CA GLU A 87 -4.24 3.81 6.19
C GLU A 87 -4.24 4.71 4.95
N LEU A 88 -3.36 5.69 4.93
CA LEU A 88 -3.28 6.64 3.81
C LEU A 88 -2.72 5.99 2.55
N GLY A 89 -1.83 5.00 2.70
CA GLY A 89 -1.45 4.23 1.53
C GLY A 89 -2.65 3.56 0.87
N ARG A 90 -3.46 2.88 1.69
CA ARG A 90 -4.69 2.24 1.19
C ARG A 90 -5.63 3.25 0.53
N LEU A 91 -5.70 4.47 1.06
CA LEU A 91 -6.55 5.50 0.46
C LEU A 91 -6.02 5.97 -0.89
N ALA A 92 -4.68 6.17 -1.00
CA ALA A 92 -4.11 6.56 -2.29
C ALA A 92 -4.54 5.61 -3.41
N GLN A 93 -4.64 4.30 -3.10
CA GLN A 93 -5.05 3.33 -4.12
C GLN A 93 -6.49 3.58 -4.52
N LYS A 94 -7.37 3.81 -3.54
CA LYS A 94 -8.75 4.19 -3.87
C LYS A 94 -8.75 5.36 -4.83
N PHE A 95 -7.97 6.40 -4.51
CA PHE A 95 -7.90 7.56 -5.38
C PHE A 95 -7.43 7.21 -6.81
N TYR A 96 -6.47 6.29 -6.97
CA TYR A 96 -6.14 5.90 -8.34
C TYR A 96 -7.36 5.30 -9.02
N ARG A 97 -7.99 4.33 -8.37
CA ARG A 97 -9.15 3.69 -8.99
C ARG A 97 -10.29 4.68 -9.24
N ASP A 98 -10.53 5.63 -8.31
CA ASP A 98 -11.65 6.56 -8.43
C ASP A 98 -11.68 7.29 -9.76
N TYR A 99 -10.51 7.49 -10.39
CA TYR A 99 -10.46 8.34 -11.57
C TYR A 99 -9.88 7.63 -12.79
N GLU A 100 -9.74 6.30 -12.74
CA GLU A 100 -9.05 5.58 -13.80
C GLU A 100 -9.92 5.37 -15.04
N ASP A 101 -11.22 5.66 -14.97
CA ASP A 101 -12.04 5.68 -16.19
C ASP A 101 -11.86 6.96 -17.00
N ILE A 102 -11.01 7.89 -16.55
CA ILE A 102 -10.73 9.12 -17.29
C ILE A 102 -9.48 8.86 -18.12
N THR A 103 -9.70 8.40 -19.36
CA THR A 103 -8.61 7.93 -20.23
C THR A 103 -7.99 9.02 -21.11
N GLU A 104 -8.61 10.19 -21.21
CA GLU A 104 -8.05 11.30 -21.99
C GLU A 104 -7.32 12.23 -21.03
N TYR A 105 -6.00 12.39 -21.26
CA TYR A 105 -5.18 13.21 -20.36
C TYR A 105 -5.74 14.62 -20.21
N GLU A 106 -6.25 15.21 -21.30
CA GLU A 106 -6.72 16.59 -21.21
C GLU A 106 -7.95 16.71 -20.33
N VAL A 107 -8.86 15.74 -20.41
CA VAL A 107 -10.02 15.70 -19.50
C VAL A 107 -9.56 15.61 -18.06
N LEU A 108 -8.55 14.78 -17.79
CA LEU A 108 -8.08 14.56 -16.43
C LEU A 108 -7.44 15.81 -15.85
N LEU A 109 -6.64 16.54 -16.64
CA LEU A 109 -6.07 17.78 -16.11
C LEU A 109 -7.14 18.84 -15.95
N ALA A 110 -8.22 18.73 -16.74
CA ALA A 110 -9.36 19.63 -16.56
C ALA A 110 -10.07 19.33 -15.24
N ARG A 111 -10.27 18.05 -14.94
CA ARG A 111 -10.82 17.65 -13.65
C ARG A 111 -9.98 18.19 -12.49
N LEU A 112 -8.64 18.10 -12.59
CA LEU A 112 -7.80 18.70 -11.55
C LEU A 112 -7.96 20.22 -11.52
N LYS A 113 -8.09 20.85 -12.70
CA LYS A 113 -8.20 22.30 -12.75
C LYS A 113 -9.53 22.76 -12.16
N GLU A 114 -10.62 22.10 -12.57
CA GLU A 114 -11.94 22.37 -12.01
C GLU A 114 -11.95 22.14 -10.51
N ASN A 115 -11.27 21.09 -10.04
CA ASN A 115 -11.23 20.80 -8.62
C ASN A 115 -10.52 21.91 -7.86
N LYS A 116 -9.37 22.35 -8.36
CA LYS A 116 -8.60 23.39 -7.68
C LYS A 116 -9.35 24.71 -7.62
N GLN A 117 -10.17 24.98 -8.64
CA GLN A 117 -10.92 26.23 -8.66
C GLN A 117 -12.01 26.21 -7.60
N GLN A 118 -12.71 25.07 -7.50
CA GLN A 118 -13.69 24.89 -6.44
C GLN A 118 -13.04 25.03 -5.06
N LEU A 119 -11.83 24.51 -4.89
CA LEU A 119 -11.18 24.63 -3.59
C LEU A 119 -10.89 26.08 -3.22
N VAL A 120 -10.45 26.93 -4.16
CA VAL A 120 -10.16 28.31 -3.78
C VAL A 120 -11.45 29.11 -3.66
N ALA A 121 -12.41 28.82 -4.55
CA ALA A 121 -13.75 29.39 -4.43
C ALA A 121 -14.31 29.14 -3.05
N LEU A 122 -14.04 27.95 -2.51
CA LEU A 122 -14.52 27.60 -1.18
C LEU A 122 -13.73 28.37 -0.12
N ILE A 123 -12.41 28.41 -0.23
CA ILE A 123 -11.63 29.21 0.71
C ILE A 123 -12.14 30.64 0.71
N GLU A 124 -12.61 31.13 -0.45
CA GLU A 124 -13.03 32.52 -0.56
C GLU A 124 -14.21 32.82 0.36
N ARG A 125 -15.12 31.87 0.56
CA ARG A 125 -16.30 32.05 1.41
C ARG A 125 -16.01 31.94 2.90
N PHE A 126 -14.78 31.70 3.32
CA PHE A 126 -14.45 31.64 4.74
C PHE A 126 -13.63 32.86 5.13
N SER A 127 -13.96 33.43 6.28
CA SER A 127 -13.10 34.48 6.77
C SER A 127 -11.74 33.91 7.15
N ASN A 128 -10.80 34.81 7.35
CA ASN A 128 -9.47 34.42 7.81
C ASN A 128 -9.66 33.78 9.17
N ASP A 129 -10.51 34.34 10.00
CA ASP A 129 -10.69 33.82 11.36
C ASP A 129 -11.16 32.37 11.33
N GLU A 130 -12.14 32.06 10.47
CA GLU A 130 -12.63 30.69 10.31
C GLU A 130 -11.55 29.76 9.75
N LEU A 131 -10.56 30.30 9.00
CA LEU A 131 -9.49 29.52 8.39
C LEU A 131 -8.27 29.35 9.28
N TYR A 132 -7.85 30.40 10.00
CA TYR A 132 -6.63 30.30 10.81
C TYR A 132 -6.79 30.74 12.26
N GLY A 133 -7.99 31.13 12.65
CA GLY A 133 -8.25 31.70 13.98
C GLY A 133 -8.42 30.70 15.11
N LYS A 134 -8.89 29.50 14.82
CA LYS A 134 -9.10 28.54 15.90
C LYS A 134 -8.98 27.13 15.32
N PRO A 135 -8.83 26.09 16.14
CA PRO A 135 -8.73 24.74 15.64
C PRO A 135 -10.03 24.29 14.98
N TRP A 136 -9.94 23.49 13.94
CA TRP A 136 -11.14 22.96 13.23
C TRP A 136 -11.16 21.45 13.40
N TYR A 137 -10.04 20.78 13.29
CA TYR A 137 -10.08 19.32 13.50
C TYR A 137 -8.95 19.00 14.44
N ASN A 138 -9.23 18.45 15.63
CA ASN A 138 -8.14 18.12 16.58
C ASN A 138 -7.42 19.42 16.94
N LYS A 139 -6.13 19.53 16.65
CA LYS A 139 -5.44 20.80 16.97
C LYS A 139 -5.17 21.59 15.70
N TRP A 140 -5.53 21.09 14.53
CA TRP A 140 -5.12 21.88 13.35
C TRP A 140 -6.20 22.85 12.96
N THR A 141 -5.83 23.93 12.29
CA THR A 141 -6.87 24.88 11.86
C THR A 141 -7.41 24.43 10.51
N ARG A 142 -8.56 24.94 10.18
CA ARG A 142 -9.16 24.61 8.89
C ARG A 142 -8.20 24.91 7.74
N GLY A 143 -7.49 26.04 7.80
CA GLY A 143 -6.55 26.39 6.74
C GLY A 143 -5.43 25.37 6.61
N ARG A 144 -4.79 25.03 7.73
CA ARG A 144 -3.80 23.97 7.71
C ARG A 144 -4.34 22.71 7.04
N MET A 145 -5.51 22.20 7.48
CA MET A 145 -6.03 20.96 6.91
C MET A 145 -6.22 21.06 5.40
N ILE A 146 -6.57 22.24 4.90
CA ILE A 146 -6.75 22.39 3.45
C ILE A 146 -5.39 22.47 2.75
N GLN A 147 -4.49 23.30 3.29
CA GLN A 147 -3.16 23.45 2.71
C GLN A 147 -2.43 22.12 2.70
N PHE A 148 -2.57 21.34 3.78
CA PHE A 148 -1.90 20.04 3.83
C PHE A 148 -2.42 19.06 2.79
N ASN A 149 -3.47 19.38 2.05
CA ASN A 149 -3.97 18.42 1.07
C ASN A 149 -4.31 19.09 -0.24
N THR A 150 -3.75 20.27 -0.47
CA THR A 150 -3.82 21.00 -1.74
C THR A 150 -2.41 21.49 -2.06
N ALA A 151 -2.00 22.59 -1.40
CA ALA A 151 -0.70 23.19 -1.68
C ALA A 151 0.43 22.19 -1.54
N SER A 152 0.53 21.52 -0.38
CA SER A 152 1.63 20.58 -0.17
C SER A 152 1.70 19.49 -1.24
N PRO A 153 0.64 18.70 -1.47
CA PRO A 153 0.78 17.63 -2.46
C PRO A 153 1.01 18.15 -3.87
N TYR A 154 0.57 19.39 -4.18
CA TYR A 154 0.89 19.99 -5.47
C TYR A 154 2.39 20.17 -5.63
N LYS A 155 3.00 20.81 -4.64
CA LYS A 155 4.44 20.97 -4.65
C LYS A 155 5.13 19.62 -4.70
N ASN A 156 4.65 18.67 -3.90
CA ASN A 156 5.23 17.34 -3.90
C ASN A 156 5.20 16.71 -5.29
N ALA A 157 4.08 16.87 -6.00
CA ALA A 157 3.95 16.29 -7.34
C ALA A 157 4.87 17.00 -8.33
N SER A 158 5.07 18.31 -8.15
CA SER A 158 6.08 19.02 -8.91
C SER A 158 7.47 18.43 -8.67
N GLY A 159 7.78 18.09 -7.42
CA GLY A 159 9.07 17.48 -7.11
C GLY A 159 9.33 16.22 -7.92
N ARG A 160 8.37 15.30 -7.90
CA ARG A 160 8.54 14.08 -8.67
C ARG A 160 8.65 14.37 -10.14
N LEU A 161 7.93 15.37 -10.61
CA LEU A 161 8.00 15.68 -12.04
C LEU A 161 9.35 16.29 -12.42
N ASN A 162 9.93 17.12 -11.55
CA ASN A 162 11.30 17.57 -11.77
C ASN A 162 12.23 16.38 -11.93
N LYS A 163 12.19 15.45 -10.96
CA LYS A 163 13.11 14.33 -10.97
C LYS A 163 12.95 13.50 -12.24
N LEU A 164 11.73 13.37 -12.72
CA LEU A 164 11.47 12.59 -13.92
C LEU A 164 11.91 13.35 -15.18
N GLN A 165 11.79 14.66 -15.15
CA GLN A 165 12.11 15.53 -16.32
C GLN A 165 13.57 15.37 -16.73
N LYS A 166 14.39 14.83 -15.84
CA LYS A 166 15.81 14.56 -16.14
C LYS A 166 15.98 13.45 -17.19
N CYS A 167 14.96 12.63 -17.38
CA CYS A 167 14.94 11.58 -18.41
C CYS A 167 13.69 11.83 -19.27
N LEU A 168 13.74 11.60 -20.56
CA LEU A 168 12.55 11.92 -21.37
C LEU A 168 12.47 10.97 -22.58
N ALA A 169 11.94 9.78 -22.30
CA ALA A 169 11.73 8.72 -23.29
C ALA A 169 10.23 8.53 -23.46
N ALA B 2 14.64 -1.65 6.24
CA ALA B 2 14.09 -1.00 5.05
C ALA B 2 13.11 -1.95 4.37
N VAL B 3 12.17 -1.40 3.62
CA VAL B 3 11.32 -2.28 2.80
C VAL B 3 12.13 -2.74 1.59
N PRO B 4 12.12 -4.03 1.25
CA PRO B 4 12.84 -4.47 0.06
C PRO B 4 12.30 -3.77 -1.18
N SER B 5 13.22 -3.28 -2.00
CA SER B 5 12.89 -2.52 -3.19
C SER B 5 13.74 -2.93 -4.38
N SER B 6 14.47 -4.05 -4.30
CA SER B 6 15.13 -4.61 -5.47
C SER B 6 15.13 -6.12 -5.35
N LYS B 7 15.37 -6.78 -6.49
CA LYS B 7 15.47 -8.24 -6.51
C LYS B 7 16.48 -8.73 -5.48
N GLU B 8 17.68 -8.14 -5.48
CA GLU B 8 18.68 -8.56 -4.51
C GLU B 8 18.17 -8.39 -3.07
N GLU B 9 17.70 -7.17 -2.73
CA GLU B 9 17.12 -6.93 -1.40
C GLU B 9 16.01 -7.93 -1.04
N LEU B 10 15.13 -8.25 -2.00
CA LEU B 10 14.05 -9.20 -1.71
C LEU B 10 14.59 -10.56 -1.29
N ILE B 11 15.52 -11.12 -2.06
CA ILE B 11 16.09 -12.43 -1.73
C ILE B 11 16.71 -12.41 -0.34
N LYS B 12 17.49 -11.37 -0.03
CA LYS B 12 18.24 -11.37 1.22
C LYS B 12 17.31 -11.26 2.41
N ALA B 13 16.23 -10.48 2.30
CA ALA B 13 15.21 -10.44 3.35
C ALA B 13 14.58 -11.82 3.56
N ILE B 14 14.25 -12.50 2.46
CA ILE B 14 13.62 -13.81 2.61
C ILE B 14 14.57 -14.81 3.27
N ASN B 15 15.84 -14.84 2.83
CA ASN B 15 16.81 -15.75 3.44
C ASN B 15 16.99 -15.44 4.93
N SER B 16 17.22 -14.18 5.28
CA SER B 16 17.49 -13.83 6.68
C SER B 16 16.30 -14.16 7.57
N ASN B 17 15.11 -13.64 7.22
CA ASN B 17 13.91 -13.90 8.02
C ASN B 17 13.63 -15.38 8.13
N PHE B 18 13.92 -16.15 7.08
CA PHE B 18 13.68 -17.59 7.16
C PHE B 18 14.67 -18.25 8.13
N SER B 19 15.98 -17.94 7.96
CA SER B 19 17.02 -18.45 8.85
C SER B 19 16.63 -18.33 10.31
N LEU B 20 16.42 -17.09 10.76
CA LEU B 20 16.09 -16.84 12.16
C LEU B 20 14.83 -17.59 12.57
N LEU B 21 13.79 -17.48 11.75
CA LEU B 21 12.55 -18.21 12.05
C LEU B 21 12.78 -19.71 12.06
N ASN B 22 13.58 -20.22 11.12
CA ASN B 22 13.87 -21.65 11.10
C ASN B 22 14.52 -22.08 12.40
N LYS B 23 15.53 -21.31 12.86
CA LYS B 23 16.23 -21.65 14.10
C LYS B 23 15.28 -21.68 15.29
N LYS B 24 14.37 -20.71 15.39
CA LYS B 24 13.40 -20.74 16.49
C LYS B 24 12.44 -21.92 16.36
N LEU B 25 12.22 -22.42 15.14
CA LEU B 25 11.22 -23.46 14.95
C LEU B 25 11.72 -24.82 15.41
N GLU B 26 12.97 -25.19 15.07
CA GLU B 26 13.51 -26.44 15.58
C GLU B 26 13.77 -26.39 17.08
N SER B 27 13.90 -25.20 17.66
CA SER B 27 13.96 -25.04 19.11
C SER B 27 12.72 -25.59 19.83
N ILE B 28 11.63 -25.87 19.11
CA ILE B 28 10.44 -26.47 19.69
C ILE B 28 10.57 -27.98 19.59
N THR B 29 10.09 -28.68 20.63
CA THR B 29 10.08 -30.13 20.58
C THR B 29 8.84 -30.62 19.82
N PRO B 30 8.94 -31.77 19.15
CA PRO B 30 7.75 -32.31 18.45
C PRO B 30 6.54 -32.45 19.35
N GLN B 31 6.70 -32.51 20.67
CA GLN B 31 5.54 -32.65 21.53
C GLN B 31 4.86 -31.32 21.80
N LEU B 32 5.65 -30.28 22.06
CA LEU B 32 5.04 -28.97 22.36
C LEU B 32 4.42 -28.35 21.12
N ALA B 33 4.91 -28.71 19.94
CA ALA B 33 4.57 -28.00 18.70
C ALA B 33 3.12 -28.13 18.32
N PHE B 34 2.39 -29.12 18.83
CA PHE B 34 1.00 -29.32 18.46
C PHE B 34 0.05 -28.95 19.59
N GLU B 35 0.58 -28.48 20.73
CA GLU B 35 -0.23 -27.98 21.83
C GLU B 35 -0.66 -26.54 21.54
N PRO B 36 -1.75 -26.06 22.15
CA PRO B 36 -2.22 -24.70 21.84
C PRO B 36 -1.64 -23.64 22.77
N LEU B 37 -0.61 -22.93 22.31
CA LEU B 37 0.09 -21.97 23.16
C LEU B 37 0.17 -20.55 22.59
N LEU B 38 -0.22 -20.34 21.34
CA LEU B 38 -0.03 -19.04 20.70
C LEU B 38 -1.25 -18.13 20.83
N THR B 45 -9.40 -18.62 20.66
CA THR B 45 -8.68 -17.98 19.56
C THR B 45 -7.17 -18.21 19.76
N THR B 46 -6.80 -19.48 19.91
CA THR B 46 -5.43 -19.86 20.21
C THR B 46 -5.03 -21.06 19.35
N ILE B 47 -3.79 -21.05 18.87
CA ILE B 47 -3.30 -22.00 17.87
C ILE B 47 -2.00 -22.62 18.36
N SER B 48 -1.36 -23.39 17.47
CA SER B 48 -0.12 -24.09 17.77
C SER B 48 0.96 -23.64 16.80
N VAL B 49 2.22 -23.91 17.17
CA VAL B 49 3.31 -23.74 16.21
C VAL B 49 3.00 -24.48 14.93
N ALA B 50 2.51 -25.72 15.06
CA ALA B 50 2.07 -26.51 13.90
C ALA B 50 1.08 -25.75 13.06
N ASN B 51 0.05 -25.18 13.71
CA ASN B 51 -0.89 -24.33 13.00
C ASN B 51 -0.17 -23.22 12.26
N LEU B 52 0.75 -22.56 12.95
CA LEU B 52 1.39 -21.39 12.35
C LEU B 52 2.23 -21.78 11.15
N VAL B 53 2.99 -22.86 11.24
CA VAL B 53 3.84 -23.27 10.12
C VAL B 53 3.00 -23.65 8.93
N SER B 54 1.83 -24.24 9.16
CA SER B 54 0.90 -24.55 8.08
C SER B 54 0.39 -23.28 7.42
N TYR B 55 0.09 -22.26 8.23
CA TYR B 55 -0.25 -20.93 7.70
C TYR B 55 0.85 -20.43 6.76
N LEU B 56 2.13 -20.61 7.15
CA LEU B 56 3.25 -20.20 6.31
C LEU B 56 3.32 -21.02 5.03
N ILE B 57 3.05 -22.33 5.10
CA ILE B 57 3.09 -23.14 3.89
C ILE B 57 1.90 -22.81 3.00
N GLY B 58 0.70 -22.64 3.59
CA GLY B 58 -0.46 -22.25 2.81
C GLY B 58 -0.19 -21.03 1.96
N TRP B 59 0.37 -19.99 2.58
CA TRP B 59 0.66 -18.75 1.86
C TRP B 59 1.75 -18.96 0.82
N GLY B 60 2.82 -19.68 1.19
CA GLY B 60 3.89 -19.95 0.24
C GLY B 60 3.42 -20.76 -0.95
N GLU B 61 2.74 -21.89 -0.68
CA GLU B 61 2.11 -22.64 -1.76
C GLU B 61 1.25 -21.73 -2.64
N LEU B 62 0.47 -20.84 -2.02
CA LEU B 62 -0.46 -20.03 -2.79
C LEU B 62 0.30 -19.10 -3.73
N VAL B 63 1.35 -18.45 -3.23
CA VAL B 63 2.17 -17.59 -4.07
C VAL B 63 2.75 -18.38 -5.25
N LEU B 64 3.18 -19.62 -5.00
CA LEU B 64 3.64 -20.44 -6.12
C LEU B 64 2.49 -20.70 -7.08
N HIS B 65 1.33 -21.07 -6.53
CA HIS B 65 0.12 -21.27 -7.34
C HIS B 65 -0.16 -20.07 -8.24
N TRP B 66 -0.04 -18.83 -7.72
CA TRP B 66 -0.31 -17.67 -8.57
C TRP B 66 0.59 -17.67 -9.79
N HIS B 67 1.87 -18.00 -9.59
CA HIS B 67 2.79 -17.98 -10.71
C HIS B 67 2.59 -19.20 -11.60
N ASP B 68 2.15 -20.32 -11.04
CA ASP B 68 1.68 -21.43 -11.89
C ASP B 68 0.59 -20.94 -12.84
N GLN B 69 -0.52 -20.47 -12.28
CA GLN B 69 -1.59 -19.86 -13.05
C GLN B 69 -1.08 -18.89 -14.11
N GLU B 70 -0.26 -17.93 -13.69
CA GLU B 70 0.24 -16.91 -14.61
C GLU B 70 1.00 -17.54 -15.76
N ALA B 71 1.88 -18.50 -15.45
CA ALA B 71 2.67 -19.17 -16.48
C ALA B 71 1.78 -19.86 -17.50
N LYS B 72 0.69 -20.47 -17.05
CA LYS B 72 -0.23 -21.22 -17.92
C LYS B 72 -1.29 -20.32 -18.57
N GLY B 73 -1.04 -19.00 -18.64
CA GLY B 73 -1.94 -18.06 -19.27
C GLY B 73 -3.29 -17.88 -18.59
N LYS B 74 -3.44 -18.39 -17.36
CA LYS B 74 -4.70 -18.37 -16.64
C LYS B 74 -4.84 -17.17 -15.71
N THR B 75 -6.04 -16.59 -15.68
CA THR B 75 -6.32 -15.47 -14.79
C THR B 75 -6.20 -15.90 -13.33
N ILE B 76 -5.48 -15.11 -12.54
CA ILE B 76 -5.26 -15.48 -11.14
C ILE B 76 -6.43 -14.98 -10.32
N ILE B 77 -6.82 -15.76 -9.33
CA ILE B 77 -7.94 -15.41 -8.47
C ILE B 77 -7.34 -15.04 -7.12
N PHE B 78 -7.28 -13.73 -6.85
CA PHE B 78 -6.64 -13.23 -5.63
C PHE B 78 -7.69 -12.99 -4.57
N PRO B 79 -7.41 -13.28 -3.29
CA PRO B 79 -6.19 -13.96 -2.81
C PRO B 79 -6.19 -15.43 -3.15
N GLU B 80 -7.36 -16.03 -3.02
CA GLU B 80 -7.61 -17.41 -3.37
C GLU B 80 -9.10 -17.54 -3.71
N GLU B 81 -9.42 -18.54 -4.55
CA GLU B 81 -10.81 -18.86 -4.88
C GLU B 81 -11.67 -19.01 -3.63
N GLY B 82 -12.82 -18.35 -3.63
CA GLY B 82 -13.75 -18.43 -2.53
C GLY B 82 -13.41 -17.56 -1.35
N PHE B 83 -12.38 -16.73 -1.48
CA PHE B 83 -11.92 -15.85 -0.42
C PHE B 83 -11.77 -14.44 -0.97
N LYS B 84 -11.89 -13.47 -0.08
CA LYS B 84 -11.70 -12.07 -0.40
C LYS B 84 -10.70 -11.50 0.58
N TRP B 85 -10.03 -10.40 0.19
CA TRP B 85 -8.89 -9.96 0.97
C TRP B 85 -9.25 -9.52 2.39
N ASN B 86 -10.53 -9.32 2.69
CA ASN B 86 -10.92 -8.98 4.05
C ASN B 86 -11.16 -10.22 4.93
N GLU B 87 -10.90 -11.43 4.41
CA GLU B 87 -11.22 -12.68 5.09
C GLU B 87 -9.97 -13.48 5.47
N LEU B 88 -8.84 -12.81 5.67
CA LEU B 88 -7.56 -13.50 5.73
C LEU B 88 -7.49 -14.47 6.91
N GLY B 89 -8.24 -14.23 7.97
CA GLY B 89 -8.28 -15.20 9.06
C GLY B 89 -9.02 -16.46 8.68
N ARG B 90 -10.08 -16.34 7.89
CA ARG B 90 -10.78 -17.51 7.34
C ARG B 90 -9.87 -18.30 6.40
N LEU B 91 -9.01 -17.61 5.63
CA LEU B 91 -8.00 -18.31 4.84
C LEU B 91 -6.92 -18.94 5.72
N ALA B 92 -6.69 -18.40 6.93
CA ALA B 92 -5.77 -19.08 7.84
C ALA B 92 -6.38 -20.37 8.37
N GLN B 93 -7.70 -20.40 8.57
CA GLN B 93 -8.37 -21.64 8.97
C GLN B 93 -8.22 -22.72 7.91
N LYS B 94 -8.38 -22.37 6.63
CA LYS B 94 -8.17 -23.36 5.58
C LYS B 94 -6.76 -23.90 5.60
N PHE B 95 -5.77 -23.02 5.81
CA PHE B 95 -4.38 -23.45 5.82
C PHE B 95 -4.11 -24.40 6.98
N TYR B 96 -4.63 -24.09 8.16
CA TYR B 96 -4.49 -25.02 9.28
C TYR B 96 -4.94 -26.42 8.87
N ARG B 97 -6.14 -26.50 8.30
CA ARG B 97 -6.70 -27.78 7.89
C ARG B 97 -5.91 -28.40 6.75
N ASP B 98 -5.49 -27.60 5.77
CA ASP B 98 -4.76 -28.11 4.61
C ASP B 98 -3.61 -29.02 5.04
N TYR B 99 -3.03 -28.76 6.20
CA TYR B 99 -1.84 -29.46 6.66
C TYR B 99 -2.09 -30.08 8.04
N GLU B 100 -3.36 -30.19 8.40
CA GLU B 100 -3.79 -30.76 9.68
C GLU B 100 -3.28 -32.18 9.87
N ASP B 101 -3.20 -32.97 8.80
CA ASP B 101 -2.86 -34.37 8.93
C ASP B 101 -1.37 -34.66 8.81
N ILE B 102 -0.52 -33.63 8.70
CA ILE B 102 0.93 -33.79 8.83
C ILE B 102 1.27 -33.73 10.32
N THR B 103 1.35 -34.91 10.96
CA THR B 103 1.39 -34.98 12.42
C THR B 103 2.80 -35.10 12.96
N GLU B 104 3.79 -35.27 12.11
CA GLU B 104 5.19 -35.34 12.53
C GLU B 104 5.85 -33.99 12.27
N TYR B 105 6.16 -33.28 13.35
CA TYR B 105 6.80 -31.98 13.27
C TYR B 105 7.94 -31.97 12.27
N GLU B 106 8.75 -33.04 12.25
CA GLU B 106 9.93 -33.08 11.38
C GLU B 106 9.56 -32.95 9.91
N VAL B 107 8.43 -33.54 9.50
CA VAL B 107 7.99 -33.42 8.11
C VAL B 107 7.44 -32.02 7.85
N LEU B 108 6.71 -31.47 8.81
CA LEU B 108 6.20 -30.11 8.70
C LEU B 108 7.32 -29.12 8.39
N LEU B 109 8.38 -29.11 9.22
CA LEU B 109 9.49 -28.20 9.01
C LEU B 109 10.16 -28.46 7.66
N ALA B 110 10.29 -29.73 7.27
CA ALA B 110 10.89 -30.03 5.98
C ALA B 110 10.06 -29.48 4.84
N ARG B 111 8.73 -29.51 4.98
CA ARG B 111 7.85 -29.00 3.94
C ARG B 111 7.89 -27.47 3.86
N LEU B 112 7.91 -26.79 5.02
CA LEU B 112 8.15 -25.36 5.02
C LEU B 112 9.48 -25.02 4.36
N LYS B 113 10.54 -25.74 4.71
CA LYS B 113 11.87 -25.37 4.20
C LYS B 113 11.96 -25.52 2.68
N GLU B 114 11.34 -26.56 2.11
CA GLU B 114 11.45 -26.73 0.66
C GLU B 114 10.57 -25.75 -0.09
N ASN B 115 9.38 -25.44 0.46
CA ASN B 115 8.57 -24.34 -0.05
C ASN B 115 9.36 -23.04 -0.11
N LYS B 116 9.98 -22.66 1.01
CA LYS B 116 10.84 -21.48 1.01
C LYS B 116 11.86 -21.55 -0.14
N GLN B 117 12.50 -22.70 -0.32
CA GLN B 117 13.50 -22.82 -1.40
C GLN B 117 12.88 -22.59 -2.77
N GLN B 118 11.71 -23.17 -3.03
CA GLN B 118 11.04 -22.95 -4.31
C GLN B 118 10.76 -21.46 -4.56
N LEU B 119 10.19 -20.78 -3.56
CA LEU B 119 9.94 -19.33 -3.67
C LEU B 119 11.21 -18.57 -4.04
N VAL B 120 12.32 -18.85 -3.32
CA VAL B 120 13.58 -18.20 -3.68
C VAL B 120 13.95 -18.52 -5.12
N ALA B 121 13.70 -19.77 -5.55
CA ALA B 121 14.01 -20.11 -6.93
C ALA B 121 13.13 -19.34 -7.89
N LEU B 122 11.85 -19.20 -7.54
CA LEU B 122 10.91 -18.44 -8.36
C LEU B 122 11.36 -16.99 -8.52
N ILE B 123 11.83 -16.37 -7.43
CA ILE B 123 12.26 -14.97 -7.52
C ILE B 123 13.46 -14.83 -8.47
N GLU B 124 14.45 -15.73 -8.32
CA GLU B 124 15.63 -15.66 -9.18
C GLU B 124 15.26 -15.72 -10.65
N ARG B 125 14.11 -16.32 -10.98
CA ARG B 125 13.64 -16.48 -12.34
C ARG B 125 13.21 -15.17 -12.99
N PHE B 126 12.98 -14.12 -12.21
CA PHE B 126 12.46 -12.87 -12.72
C PHE B 126 13.53 -11.80 -12.70
N SER B 127 13.45 -10.89 -13.66
CA SER B 127 14.34 -9.74 -13.68
C SER B 127 13.96 -8.72 -12.60
N ASN B 128 14.82 -7.73 -12.41
CA ASN B 128 14.46 -6.73 -11.42
C ASN B 128 13.32 -5.87 -11.90
N ASP B 129 13.22 -5.63 -13.21
CA ASP B 129 12.07 -4.92 -13.75
C ASP B 129 10.80 -5.70 -13.50
N GLU B 130 10.86 -7.02 -13.69
CA GLU B 130 9.72 -7.87 -13.44
C GLU B 130 9.29 -7.89 -11.97
N LEU B 131 10.18 -7.53 -11.04
CA LEU B 131 9.86 -7.71 -9.64
C LEU B 131 9.49 -6.42 -8.94
N TYR B 132 10.22 -5.33 -9.23
CA TYR B 132 10.03 -4.03 -8.63
C TYR B 132 9.89 -2.92 -9.65
N GLY B 133 9.92 -3.22 -10.93
CA GLY B 133 9.75 -2.12 -11.87
C GLY B 133 8.33 -1.99 -12.32
N LYS B 134 7.76 -3.07 -12.83
CA LYS B 134 6.40 -3.04 -13.37
C LYS B 134 5.37 -3.22 -12.27
N PRO B 135 4.12 -2.82 -12.48
CA PRO B 135 3.06 -3.09 -11.56
C PRO B 135 2.56 -4.50 -11.87
N TRP B 136 2.16 -5.25 -10.88
CA TRP B 136 1.70 -6.64 -11.11
C TRP B 136 0.24 -6.83 -10.70
N TYR B 137 -0.08 -6.57 -9.45
CA TYR B 137 -1.42 -6.73 -8.93
C TYR B 137 -1.92 -5.36 -8.53
N ASN B 138 -2.79 -4.79 -9.35
CA ASN B 138 -3.16 -3.37 -9.24
C ASN B 138 -1.83 -2.61 -9.26
N LYS B 139 -1.57 -1.71 -8.34
CA LYS B 139 -0.29 -1.03 -8.40
C LYS B 139 0.83 -1.78 -7.70
N TRP B 140 0.52 -2.87 -6.99
CA TRP B 140 1.53 -3.55 -6.19
C TRP B 140 2.46 -4.38 -7.09
N THR B 141 3.77 -4.17 -6.95
CA THR B 141 4.73 -4.92 -7.75
C THR B 141 4.75 -6.39 -7.34
N ARG B 142 5.12 -7.23 -8.31
CA ARG B 142 5.32 -8.67 -8.06
C ARG B 142 6.19 -8.93 -6.83
N GLY B 143 7.32 -8.24 -6.72
CA GLY B 143 8.17 -8.45 -5.56
C GLY B 143 7.50 -8.04 -4.26
N ARG B 144 6.88 -6.86 -4.26
CA ARG B 144 6.17 -6.42 -3.07
C ARG B 144 5.08 -7.42 -2.66
N MET B 145 4.32 -7.93 -3.63
CA MET B 145 3.31 -8.93 -3.33
C MET B 145 3.94 -10.16 -2.68
N ILE B 146 5.06 -10.65 -3.25
CA ILE B 146 5.75 -11.83 -2.71
C ILE B 146 6.23 -11.57 -1.29
N GLN B 147 6.81 -10.39 -1.05
CA GLN B 147 7.24 -10.08 0.31
C GLN B 147 6.07 -10.07 1.30
N PHE B 148 4.89 -9.56 0.89
CA PHE B 148 3.76 -9.49 1.82
C PHE B 148 3.44 -10.84 2.44
N ASN B 149 3.69 -11.92 1.70
CA ASN B 149 3.21 -13.24 2.10
C ASN B 149 4.33 -14.26 2.30
N THR B 150 5.58 -13.81 2.34
CA THR B 150 6.71 -14.68 2.63
C THR B 150 7.57 -14.04 3.70
N ALA B 151 8.49 -13.16 3.30
CA ALA B 151 9.41 -12.56 4.25
C ALA B 151 8.69 -11.87 5.42
N SER B 152 7.58 -11.17 5.14
CA SER B 152 6.88 -10.49 6.24
C SER B 152 6.36 -11.49 7.26
N PRO B 153 5.51 -12.46 6.91
CA PRO B 153 5.05 -13.41 7.94
C PRO B 153 6.16 -14.25 8.56
N TYR B 154 7.31 -14.45 7.88
CA TYR B 154 8.45 -15.07 8.55
C TYR B 154 8.82 -14.29 9.80
N LYS B 155 9.02 -12.98 9.67
CA LYS B 155 9.31 -12.12 10.83
C LYS B 155 8.19 -12.20 11.85
N ASN B 156 6.96 -11.94 11.41
CA ASN B 156 5.82 -11.97 12.32
C ASN B 156 5.74 -13.30 13.05
N ALA B 157 5.99 -14.41 12.35
CA ALA B 157 5.92 -15.71 12.98
C ALA B 157 7.03 -15.86 14.02
N SER B 158 8.26 -15.53 13.64
CA SER B 158 9.36 -15.60 14.58
C SER B 158 9.13 -14.75 15.81
N GLY B 159 8.33 -13.69 15.68
CA GLY B 159 7.96 -12.91 16.84
C GLY B 159 7.19 -13.75 17.84
N ARG B 160 5.96 -14.14 17.46
CA ARG B 160 5.13 -15.01 18.30
C ARG B 160 5.89 -16.20 18.86
N LEU B 161 6.98 -16.60 18.21
CA LEU B 161 7.80 -17.71 18.72
C LEU B 161 8.60 -17.29 19.94
N ASN B 162 9.43 -16.25 19.81
CA ASN B 162 10.29 -15.89 20.93
C ASN B 162 9.47 -15.45 22.14
N LYS B 163 8.27 -14.91 21.91
CA LYS B 163 7.34 -14.71 23.02
C LYS B 163 7.00 -16.05 23.69
N LEU B 164 6.76 -17.08 22.89
CA LEU B 164 6.38 -18.38 23.43
C LEU B 164 7.50 -18.99 24.28
N GLN B 165 8.72 -19.05 23.73
CA GLN B 165 9.87 -19.55 24.49
C GLN B 165 9.99 -18.87 25.84
N LYS B 166 9.40 -17.69 25.99
CA LYS B 166 9.24 -17.07 27.28
C LYS B 166 7.94 -17.56 27.94
N CYS B 167 7.98 -18.83 28.34
CA CYS B 167 6.92 -19.40 29.18
C CYS B 167 7.56 -20.19 30.32
N LEU B 168 8.77 -20.70 30.07
CA LEU B 168 9.54 -21.48 31.03
C LEU B 168 9.84 -20.68 32.30
N ALA B 169 9.83 -21.37 33.44
CA ALA B 169 9.58 -22.81 33.55
C ALA B 169 8.60 -23.12 34.68
#